data_3ISI
#
_entry.id   3ISI
#
_cell.length_a   96.690
_cell.length_b   96.690
_cell.length_c   104.600
_cell.angle_alpha   90.00
_cell.angle_beta   90.00
_cell.angle_gamma   120.00
#
_symmetry.space_group_name_H-M   'P 31 2 1'
#
loop_
_entity.id
_entity.type
_entity.pdbx_description
1 polymer 'renal dipeptidase'
2 non-polymer '(2S)-2-{[(S)-[(1R)-1-aminoethyl](hydroxy)phosphoryl]methyl}butanedioic acid'
3 non-polymer 'ZINC ION'
4 water water
#
_entity_poly.entity_id   1
_entity_poly.type   'polypeptide(L)'
_entity_poly.pdbx_seq_one_letter_code
;MTSLEKARELLREFPVVDGHNDLPWALREQVRYDLDARDIAADQSAHLHTDLARLRSGGVGAQYWSVYVRSDLPGAVTAT
LEQIDCVRRLIDRHPGELRAALTAADMEAARAEGRIASLMGAEGGHSIDNSLATLRALYALGVRYMTLTHNDNNAWADSA
TDEPGVGGLSAFGREVVREMNREGMLVDLSHVAATTMRDALDTSTAPVIFSHSSSRAVCDHPRNIPDDVLERLSANGGMA
MVTFVPKFVLQAAVDWTAEADDNMRAHGFHHLDSSPEAMKVHAAFEERVPRPVATVSTVADHLDHMREVAGVDHLGIGGD
YDGTPFTPDGLGDVSGYPNLIAELLDRGWSQSDLAKLTWKNAVRVLDAAEDVSRGLRAARGPSNATIEQLDGTAAEQPEG
;
_entity_poly.pdbx_strand_id   X
#
loop_
_chem_comp.id
_chem_comp.type
_chem_comp.name
_chem_comp.formula
B88 non-polymer '(2S)-2-{[(S)-[(1R)-1-aminoethyl](hydroxy)phosphoryl]methyl}butanedioic acid' 'C7 H14 N O6 P'
ZN non-polymer 'ZINC ION' 'Zn 2'
#
# COMPACT_ATOMS: atom_id res chain seq x y z
N MET A 1 -30.40 0.28 15.31
CA MET A 1 -29.35 -0.50 14.61
C MET A 1 -27.98 -0.49 15.35
N THR A 2 -27.28 -1.64 15.31
CA THR A 2 -25.95 -1.77 15.89
C THR A 2 -24.93 -0.86 15.16
N SER A 3 -23.70 -0.80 15.68
CA SER A 3 -22.63 -0.03 15.06
C SER A 3 -22.16 -0.69 13.77
N LEU A 4 -22.22 -2.00 13.73
CA LEU A 4 -21.94 -2.76 12.52
C LEU A 4 -23.00 -2.55 11.42
N GLU A 5 -24.27 -2.51 11.82
CA GLU A 5 -25.33 -2.15 10.86
C GLU A 5 -25.14 -0.74 10.32
N LYS A 6 -24.81 0.19 11.20
CA LYS A 6 -24.45 1.57 10.84
C LYS A 6 -23.24 1.63 9.87
N ALA A 7 -22.12 1.00 10.26
CA ALA A 7 -20.92 0.86 9.42
C ALA A 7 -21.23 0.36 8.00
N ARG A 8 -22.01 -0.71 7.87
CA ARG A 8 -22.42 -1.14 6.50
C ARG A 8 -23.18 -0.09 5.67
N GLU A 9 -24.15 0.57 6.29
CA GLU A 9 -24.89 1.67 5.65
C GLU A 9 -23.94 2.83 5.20
N LEU A 10 -22.97 3.14 6.07
CA LEU A 10 -21.96 4.15 5.79
C LEU A 10 -21.10 3.78 4.60
N LEU A 11 -20.74 2.50 4.52
CA LEU A 11 -19.89 1.97 3.45
C LEU A 11 -20.60 1.90 2.10
N ARG A 12 -21.90 1.62 2.13
CA ARG A 12 -22.77 1.74 0.95
C ARG A 12 -22.74 3.13 0.32
N GLU A 13 -22.75 4.19 1.13
CA GLU A 13 -22.61 5.52 0.52
C GLU A 13 -21.19 5.99 0.10
N PHE A 14 -20.22 5.76 0.99
CA PHE A 14 -18.80 6.16 0.82
C PHE A 14 -17.94 4.94 1.18
N PRO A 15 -17.71 4.06 0.18
CA PRO A 15 -17.02 2.80 0.38
C PRO A 15 -15.50 2.99 0.52
N VAL A 16 -14.79 1.92 0.85
CA VAL A 16 -13.33 1.93 1.02
C VAL A 16 -12.64 2.00 -0.35
N VAL A 17 -11.67 2.91 -0.41
CA VAL A 17 -10.66 2.89 -1.43
C VAL A 17 -9.48 2.28 -0.67
N ASP A 18 -9.15 1.04 -0.99
CA ASP A 18 -8.02 0.44 -0.34
C ASP A 18 -6.71 0.69 -1.12
N GLY A 19 -5.72 1.17 -0.38
CA GLY A 19 -4.46 1.66 -0.93
C GLY A 19 -3.48 0.63 -1.46
N HIS A 20 -3.66 -0.64 -1.06
CA HIS A 20 -2.70 -1.68 -1.44
C HIS A 20 -3.18 -3.13 -1.22
N ASN A 21 -3.35 -3.86 -2.30
CA ASN A 21 -3.72 -5.28 -2.20
C ASN A 21 -2.80 -6.02 -3.15
N ASP A 22 -2.19 -7.10 -2.66
CA ASP A 22 -1.22 -7.89 -3.45
C ASP A 22 -1.74 -9.15 -4.11
N LEU A 23 -3.04 -9.20 -4.41
CA LEU A 23 -3.60 -10.30 -5.12
C LEU A 23 -2.78 -10.64 -6.40
N PRO A 24 -2.38 -9.63 -7.23
CA PRO A 24 -1.59 -10.15 -8.40
C PRO A 24 -0.31 -10.94 -8.03
N TRP A 25 0.46 -10.46 -7.06
CA TRP A 25 1.56 -11.26 -6.56
C TRP A 25 1.12 -12.66 -6.09
N ALA A 26 0.00 -12.74 -5.34
CA ALA A 26 -0.41 -14.04 -4.80
C ALA A 26 -0.78 -14.98 -5.98
N LEU A 27 -1.40 -14.41 -7.03
CA LEU A 27 -1.73 -15.17 -8.22
C LEU A 27 -0.49 -15.59 -9.00
N ARG A 28 0.49 -14.69 -9.17
CA ARG A 28 1.80 -15.06 -9.71
C ARG A 28 2.40 -16.29 -8.95
N GLU A 29 2.43 -16.19 -7.62
CA GLU A 29 3.10 -17.22 -6.79
C GLU A 29 2.30 -18.52 -6.63
N GLN A 30 0.98 -18.41 -6.47
CA GLN A 30 0.21 -19.60 -6.19
C GLN A 30 -0.01 -20.43 -7.46
N VAL A 31 -0.34 -19.75 -8.56
CA VAL A 31 -0.81 -20.40 -9.76
C VAL A 31 -0.19 -19.88 -11.09
N ARG A 32 0.94 -19.19 -11.02
CA ARG A 32 1.59 -18.64 -12.22
C ARG A 32 0.57 -18.02 -13.20
N TYR A 33 -0.33 -17.22 -12.64
CA TYR A 33 -1.41 -16.50 -13.38
C TYR A 33 -2.47 -17.35 -14.06
N ASP A 34 -2.57 -18.61 -13.63
CA ASP A 34 -3.73 -19.43 -14.02
C ASP A 34 -4.98 -18.94 -13.30
N LEU A 35 -5.58 -17.90 -13.87
CA LEU A 35 -6.73 -17.21 -13.29
C LEU A 35 -7.97 -18.09 -12.99
N ASP A 36 -8.24 -19.12 -13.83
CA ASP A 36 -9.31 -20.10 -13.59
C ASP A 36 -9.12 -20.93 -12.33
N ALA A 37 -7.87 -21.28 -11.99
CA ALA A 37 -7.55 -22.02 -10.74
C ALA A 37 -7.74 -21.23 -9.45
N ARG A 38 -7.84 -19.90 -9.56
CA ARG A 38 -8.15 -18.98 -8.45
C ARG A 38 -9.23 -17.97 -8.85
N ASP A 39 -10.29 -18.43 -9.51
CA ASP A 39 -11.36 -17.51 -10.01
C ASP A 39 -12.02 -16.62 -8.92
N ILE A 40 -11.91 -15.29 -9.11
CA ILE A 40 -12.44 -14.40 -8.03
C ILE A 40 -13.97 -14.19 -8.04
N ALA A 41 -14.63 -14.66 -9.09
CA ALA A 41 -16.09 -14.76 -9.14
C ALA A 41 -16.64 -15.95 -8.28
N ALA A 42 -15.73 -16.81 -7.81
CA ALA A 42 -16.03 -17.89 -6.87
C ALA A 42 -15.30 -17.68 -5.51
N ASP A 43 -15.76 -18.40 -4.47
CA ASP A 43 -15.22 -18.37 -3.12
C ASP A 43 -13.76 -18.89 -3.06
N GLN A 44 -12.82 -17.96 -2.75
CA GLN A 44 -11.39 -18.26 -2.69
C GLN A 44 -10.84 -18.17 -1.27
N SER A 45 -11.72 -18.36 -0.28
CA SER A 45 -11.35 -18.17 1.12
C SER A 45 -10.29 -19.15 1.68
N ALA A 46 -10.22 -20.35 1.11
CA ALA A 46 -9.14 -21.35 1.48
C ALA A 46 -7.72 -20.98 1.02
N HIS A 47 -7.60 -20.08 0.03
CA HIS A 47 -6.37 -19.76 -0.67
C HIS A 47 -5.93 -18.29 -0.54
N LEU A 48 -6.90 -17.37 -0.46
CA LEU A 48 -6.68 -15.95 -0.65
C LEU A 48 -7.48 -15.09 0.33
N HIS A 49 -6.93 -13.93 0.72
CA HIS A 49 -7.70 -12.89 1.43
C HIS A 49 -8.83 -12.22 0.60
N THR A 50 -8.70 -12.29 -0.73
CA THR A 50 -9.51 -11.57 -1.72
C THR A 50 -10.30 -12.47 -2.70
N ASP A 51 -11.61 -12.22 -2.82
CA ASP A 51 -12.41 -12.55 -4.01
C ASP A 51 -13.46 -11.45 -4.09
N LEU A 52 -14.32 -11.49 -5.12
CA LEU A 52 -15.28 -10.39 -5.41
C LEU A 52 -16.41 -10.29 -4.40
N ALA A 53 -16.88 -11.42 -3.88
CA ALA A 53 -18.05 -11.43 -2.96
C ALA A 53 -17.63 -10.90 -1.62
N ARG A 54 -16.43 -11.27 -1.19
CA ARG A 54 -15.80 -10.68 0.01
C ARG A 54 -15.45 -9.18 -0.07
N LEU A 55 -14.96 -8.72 -1.22
CA LEU A 55 -14.79 -7.28 -1.49
C LEU A 55 -16.13 -6.51 -1.32
N ARG A 56 -17.22 -7.10 -1.81
CA ARG A 56 -18.59 -6.54 -1.68
C ARG A 56 -19.05 -6.42 -0.23
N SER A 57 -18.87 -7.52 0.50
CA SER A 57 -19.21 -7.62 1.91
C SER A 57 -18.37 -6.69 2.75
N GLY A 58 -17.13 -6.46 2.32
CA GLY A 58 -16.22 -5.55 2.98
C GLY A 58 -16.52 -4.09 2.74
N GLY A 59 -17.32 -3.80 1.72
CA GLY A 59 -17.68 -2.41 1.35
C GLY A 59 -16.55 -1.71 0.58
N VAL A 60 -15.74 -2.48 -0.14
CA VAL A 60 -14.64 -1.91 -0.96
C VAL A 60 -15.23 -1.36 -2.27
N GLY A 61 -15.05 -0.08 -2.60
CA GLY A 61 -15.45 0.38 -3.96
C GLY A 61 -14.32 0.82 -4.90
N ALA A 62 -13.11 0.88 -4.37
CA ALA A 62 -11.95 1.11 -5.23
C ALA A 62 -10.79 0.35 -4.62
N GLN A 63 -9.92 -0.14 -5.49
CA GLN A 63 -8.72 -0.89 -5.09
C GLN A 63 -7.52 -0.53 -5.97
N TYR A 64 -6.44 -0.16 -5.27
CA TYR A 64 -5.13 -0.06 -5.87
C TYR A 64 -4.53 -1.43 -5.79
N TRP A 65 -4.54 -2.11 -6.95
CA TRP A 65 -3.95 -3.44 -7.11
C TRP A 65 -2.45 -3.25 -7.23
N SER A 66 -1.73 -3.86 -6.31
CA SER A 66 -0.29 -3.74 -6.33
C SER A 66 0.34 -4.52 -7.50
N VAL A 67 1.33 -3.92 -8.19
CA VAL A 67 2.02 -4.68 -9.26
C VAL A 67 3.45 -4.95 -8.80
N TYR A 68 3.55 -5.18 -7.48
CA TYR A 68 4.79 -5.57 -6.82
C TYR A 68 5.58 -6.63 -7.59
N VAL A 69 6.92 -6.46 -7.58
CA VAL A 69 7.85 -7.53 -8.00
C VAL A 69 9.06 -7.58 -7.09
N ARG A 70 9.75 -8.72 -7.06
CA ARG A 70 11.01 -8.87 -6.27
C ARG A 70 12.16 -8.02 -6.77
N SER A 71 12.74 -7.24 -5.85
CA SER A 71 13.97 -6.52 -6.17
C SER A 71 15.24 -7.41 -6.16
N ASP A 72 15.17 -8.64 -5.63
CA ASP A 72 16.35 -9.49 -5.51
C ASP A 72 16.42 -10.55 -6.62
N LEU A 73 15.68 -10.33 -7.71
CA LEU A 73 15.70 -11.21 -8.88
C LEU A 73 15.84 -10.30 -10.11
N PRO A 74 16.57 -10.74 -11.15
CA PRO A 74 16.67 -9.87 -12.35
C PRO A 74 15.37 -9.88 -13.20
N GLY A 75 15.30 -9.01 -14.22
CA GLY A 75 14.10 -8.85 -15.06
C GLY A 75 12.89 -8.25 -14.33
N ALA A 76 13.14 -7.25 -13.47
CA ALA A 76 12.08 -6.54 -12.72
C ALA A 76 11.12 -5.79 -13.64
N VAL A 77 11.64 -5.23 -14.77
CA VAL A 77 10.76 -4.52 -15.70
C VAL A 77 9.78 -5.48 -16.33
N THR A 78 10.30 -6.59 -16.84
CA THR A 78 9.53 -7.65 -17.45
C THR A 78 8.52 -8.23 -16.44
N ALA A 79 8.97 -8.63 -15.25
CA ALA A 79 8.01 -9.09 -14.21
C ALA A 79 6.91 -8.06 -13.89
N THR A 80 7.27 -6.76 -13.76
CA THR A 80 6.29 -5.67 -13.63
C THR A 80 5.23 -5.68 -14.76
N LEU A 81 5.66 -5.75 -16.00
CA LEU A 81 4.74 -5.82 -17.12
C LEU A 81 3.74 -7.02 -17.04
N GLU A 82 4.22 -8.12 -16.55
CA GLU A 82 3.40 -9.29 -16.27
C GLU A 82 2.44 -9.08 -15.12
N GLN A 83 2.88 -8.41 -14.09
CA GLN A 83 1.97 -8.03 -13.00
C GLN A 83 0.84 -7.10 -13.47
N ILE A 84 1.19 -6.08 -14.28
CA ILE A 84 0.26 -5.14 -14.88
C ILE A 84 -0.76 -5.86 -15.77
N ASP A 85 -0.26 -6.83 -16.57
CA ASP A 85 -1.10 -7.66 -17.45
C ASP A 85 -2.05 -8.54 -16.58
N CYS A 86 -1.56 -9.10 -15.47
CA CYS A 86 -2.45 -9.77 -14.52
C CYS A 86 -3.64 -8.89 -14.10
N VAL A 87 -3.37 -7.63 -13.75
CA VAL A 87 -4.47 -6.69 -13.43
C VAL A 87 -5.47 -6.45 -14.60
N ARG A 88 -4.97 -6.12 -15.79
CA ARG A 88 -5.79 -5.95 -16.95
C ARG A 88 -6.72 -7.15 -17.22
N ARG A 89 -6.18 -8.37 -17.10
CA ARG A 89 -6.96 -9.61 -17.26
C ARG A 89 -8.10 -9.77 -16.26
N LEU A 90 -7.82 -9.53 -14.96
CA LEU A 90 -8.87 -9.51 -13.89
C LEU A 90 -10.00 -8.56 -14.25
N ILE A 91 -9.64 -7.33 -14.65
CA ILE A 91 -10.63 -6.35 -15.09
C ILE A 91 -11.43 -6.88 -16.32
N ASP A 92 -10.72 -7.43 -17.30
CA ASP A 92 -11.36 -7.96 -18.49
C ASP A 92 -12.22 -9.19 -18.16
N ARG A 93 -11.83 -9.96 -17.18
CA ARG A 93 -12.60 -11.14 -16.85
C ARG A 93 -13.84 -10.80 -16.07
N HIS A 94 -13.83 -9.69 -15.33
CA HIS A 94 -14.97 -9.36 -14.43
C HIS A 94 -15.63 -8.01 -14.64
N PRO A 95 -16.18 -7.76 -15.87
CA PRO A 95 -16.56 -6.38 -16.15
C PRO A 95 -17.85 -5.92 -15.49
N GLY A 96 -18.61 -6.86 -14.95
CA GLY A 96 -19.75 -6.52 -14.10
C GLY A 96 -19.36 -6.03 -12.71
N GLU A 97 -18.18 -6.42 -12.21
N GLU A 97 -18.18 -6.41 -12.24
CA GLU A 97 -17.76 -6.14 -10.84
CA GLU A 97 -17.78 -6.15 -10.86
C GLU A 97 -16.66 -5.06 -10.77
C GLU A 97 -16.61 -5.14 -10.75
N LEU A 98 -15.85 -5.00 -11.83
CA LEU A 98 -14.65 -4.19 -11.82
C LEU A 98 -14.64 -3.25 -13.00
N ARG A 99 -14.12 -2.03 -12.77
CA ARG A 99 -13.96 -1.03 -13.79
C ARG A 99 -12.53 -0.45 -13.68
N ALA A 100 -11.77 -0.46 -14.79
CA ALA A 100 -10.42 0.11 -14.86
C ALA A 100 -10.54 1.55 -14.45
N ALA A 101 -9.68 2.04 -13.55
CA ALA A 101 -9.68 3.47 -13.20
C ALA A 101 -8.31 4.14 -13.36
N LEU A 102 -8.23 5.20 -14.19
CA LEU A 102 -7.00 5.96 -14.40
C LEU A 102 -7.04 7.32 -13.71
N THR A 103 -8.21 7.78 -13.37
CA THR A 103 -8.40 9.14 -12.88
C THR A 103 -9.40 9.19 -11.70
N ALA A 104 -9.36 10.29 -10.96
CA ALA A 104 -10.25 10.44 -9.80
C ALA A 104 -11.71 10.52 -10.33
N ALA A 105 -11.87 11.09 -11.53
CA ALA A 105 -13.17 10.97 -12.26
C ALA A 105 -13.57 9.50 -12.60
N ASP A 106 -12.63 8.65 -13.05
CA ASP A 106 -12.96 7.21 -13.18
C ASP A 106 -13.39 6.62 -11.84
N MET A 107 -12.85 7.09 -10.74
CA MET A 107 -13.22 6.46 -9.47
C MET A 107 -14.69 6.69 -9.15
N GLU A 108 -15.12 7.92 -9.39
CA GLU A 108 -16.48 8.39 -9.13
C GLU A 108 -17.45 7.74 -10.10
N ALA A 109 -17.09 7.70 -11.40
CA ALA A 109 -17.92 7.00 -12.40
C ALA A 109 -18.15 5.55 -11.94
N ALA A 110 -17.09 4.88 -11.54
CA ALA A 110 -17.24 3.53 -10.96
C ALA A 110 -18.23 3.46 -9.78
N ARG A 111 -18.08 4.35 -8.81
CA ARG A 111 -18.99 4.42 -7.67
C ARG A 111 -20.47 4.59 -8.04
N ALA A 112 -20.74 5.45 -9.04
CA ALA A 112 -22.11 5.69 -9.49
C ALA A 112 -22.72 4.47 -10.21
N GLU A 113 -21.85 3.65 -10.82
CA GLU A 113 -22.25 2.36 -11.46
C GLU A 113 -22.32 1.19 -10.50
N GLY A 114 -21.75 1.33 -9.32
CA GLY A 114 -21.66 0.21 -8.39
C GLY A 114 -20.59 -0.81 -8.76
N ARG A 115 -19.57 -0.41 -9.56
CA ARG A 115 -18.42 -1.24 -9.86
C ARG A 115 -17.19 -0.81 -9.05
N ILE A 116 -16.29 -1.75 -8.76
CA ILE A 116 -15.04 -1.46 -8.02
C ILE A 116 -13.98 -0.88 -8.95
N ALA A 117 -13.66 0.39 -8.73
CA ALA A 117 -12.59 1.07 -9.49
C ALA A 117 -11.30 0.28 -9.24
N SER A 118 -10.57 -0.01 -10.31
CA SER A 118 -9.43 -0.88 -10.22
C SER A 118 -8.24 -0.11 -10.80
N LEU A 119 -7.36 0.32 -9.87
CA LEU A 119 -6.20 1.10 -10.21
C LEU A 119 -4.94 0.29 -9.94
N MET A 120 -3.80 0.83 -10.34
CA MET A 120 -2.58 0.14 -10.10
C MET A 120 -1.49 0.98 -9.43
N GLY A 121 -0.69 0.31 -8.60
CA GLY A 121 0.46 0.90 -7.96
C GLY A 121 1.66 -0.02 -8.04
N ALA A 122 2.80 0.50 -8.53
CA ALA A 122 4.03 -0.33 -8.60
C ALA A 122 4.70 -0.29 -7.21
N GLU A 123 5.31 -1.38 -6.78
CA GLU A 123 5.81 -1.41 -5.43
C GLU A 123 7.34 -1.50 -5.34
N GLY A 124 7.99 -0.36 -5.49
CA GLY A 124 9.45 -0.31 -5.41
C GLY A 124 10.05 0.27 -6.69
N GLY A 125 11.03 1.16 -6.52
CA GLY A 125 11.59 1.96 -7.62
C GLY A 125 12.38 1.15 -8.60
N HIS A 126 12.84 -0.05 -8.18
CA HIS A 126 13.43 -1.12 -9.05
C HIS A 126 12.64 -1.48 -10.29
N SER A 127 11.31 -1.27 -10.27
CA SER A 127 10.41 -1.55 -11.39
C SER A 127 10.70 -0.59 -12.55
N ILE A 128 11.50 0.47 -12.31
CA ILE A 128 11.86 1.37 -13.41
C ILE A 128 13.28 1.21 -13.97
N ASP A 129 14.07 0.32 -13.33
CA ASP A 129 15.43 0.01 -13.77
C ASP A 129 16.23 1.30 -14.04
N ASN A 130 16.21 2.27 -13.10
CA ASN A 130 16.86 3.60 -13.20
C ASN A 130 16.62 4.28 -14.53
N SER A 131 15.40 4.26 -15.04
CA SER A 131 15.10 4.79 -16.37
C SER A 131 13.83 5.63 -16.37
N LEU A 132 14.01 6.93 -16.60
CA LEU A 132 12.87 7.86 -16.63
C LEU A 132 11.78 7.60 -17.68
N ALA A 133 12.22 7.25 -18.90
CA ALA A 133 11.32 6.71 -19.94
C ALA A 133 10.56 5.48 -19.48
N THR A 134 11.19 4.59 -18.76
CA THR A 134 10.47 3.43 -18.20
C THR A 134 9.42 3.86 -17.18
N LEU A 135 9.72 4.87 -16.39
CA LEU A 135 8.72 5.42 -15.48
C LEU A 135 7.52 5.92 -16.30
N ARG A 136 7.82 6.62 -17.41
CA ARG A 136 6.81 7.20 -18.25
C ARG A 136 5.97 6.11 -18.96
N ALA A 137 6.61 5.01 -19.36
CA ALA A 137 5.94 3.81 -19.83
C ALA A 137 4.98 3.14 -18.80
N LEU A 138 5.38 3.00 -17.56
CA LEU A 138 4.49 2.47 -16.50
C LEU A 138 3.28 3.35 -16.33
N TYR A 139 3.51 4.65 -16.27
CA TYR A 139 2.38 5.59 -16.29
C TYR A 139 1.45 5.34 -17.51
N ALA A 140 2.01 5.37 -18.71
CA ALA A 140 1.21 5.13 -19.95
C ALA A 140 0.42 3.81 -19.89
N LEU A 141 0.88 2.86 -19.11
CA LEU A 141 0.21 1.58 -19.00
C LEU A 141 -0.84 1.58 -17.86
N GLY A 142 -0.93 2.66 -17.08
CA GLY A 142 -1.97 2.79 -16.07
C GLY A 142 -1.52 2.82 -14.62
N VAL A 143 -0.20 2.87 -14.39
CA VAL A 143 0.34 2.88 -13.02
C VAL A 143 0.17 4.26 -12.44
N ARG A 144 -0.41 4.31 -11.24
CA ARG A 144 -0.85 5.58 -10.69
C ARG A 144 -0.18 5.91 -9.37
N TYR A 145 0.55 4.95 -8.79
CA TYR A 145 1.51 5.31 -7.80
C TYR A 145 2.74 4.41 -7.89
N MET A 146 3.87 4.84 -7.33
CA MET A 146 5.01 3.99 -7.17
C MET A 146 5.59 4.18 -5.77
N THR A 147 5.73 3.05 -5.05
CA THR A 147 6.44 3.05 -3.77
C THR A 147 7.94 3.19 -4.09
N LEU A 148 8.59 4.21 -3.57
CA LEU A 148 9.99 4.44 -4.02
C LEU A 148 10.97 3.27 -3.77
N THR A 149 10.79 2.56 -2.64
CA THR A 149 11.55 1.32 -2.42
C THR A 149 10.64 0.20 -1.99
N HIS A 150 11.12 -1.04 -2.12
CA HIS A 150 10.46 -2.12 -1.39
C HIS A 150 11.26 -2.32 -0.13
N ASN A 151 11.59 -3.56 0.20
CA ASN A 151 12.31 -3.90 1.45
C ASN A 151 13.83 -3.57 1.48
N ASP A 152 14.44 -3.35 0.31
CA ASP A 152 15.87 -2.99 0.22
C ASP A 152 16.07 -1.66 -0.51
N ASN A 153 17.16 -0.97 -0.18
CA ASN A 153 17.69 0.15 -0.96
C ASN A 153 17.64 -0.15 -2.46
N ASN A 154 17.37 0.87 -3.24
CA ASN A 154 17.79 0.86 -4.62
C ASN A 154 18.96 1.86 -4.80
N ALA A 155 19.43 2.07 -6.03
CA ALA A 155 20.54 3.00 -6.30
C ALA A 155 20.27 4.45 -5.92
N TRP A 156 19.00 4.82 -5.79
CA TRP A 156 18.67 6.23 -5.59
C TRP A 156 17.73 6.55 -4.42
N ALA A 157 17.36 5.54 -3.61
CA ALA A 157 16.47 5.72 -2.43
C ALA A 157 16.70 4.64 -1.41
N ASP A 158 16.56 4.99 -0.15
CA ASP A 158 16.87 4.13 0.98
C ASP A 158 15.57 3.55 1.52
N SER A 159 15.57 2.27 1.84
CA SER A 159 14.46 1.58 2.44
C SER A 159 14.46 1.58 3.98
N ALA A 160 13.28 1.46 4.58
CA ALA A 160 13.14 1.49 6.04
C ALA A 160 13.71 0.24 6.62
N THR A 161 13.72 -0.81 5.81
CA THR A 161 14.20 -2.14 6.27
C THR A 161 15.56 -2.56 5.71
N ASP A 162 16.43 -1.57 5.46
CA ASP A 162 17.77 -1.83 4.95
C ASP A 162 18.67 -0.85 5.74
N GLU A 163 19.99 -0.99 5.65
CA GLU A 163 20.87 0.02 6.26
C GLU A 163 20.88 1.31 5.44
N PRO A 164 21.22 2.46 6.06
CA PRO A 164 21.36 3.71 5.30
C PRO A 164 22.21 3.54 4.05
N GLY A 165 21.96 4.31 3.01
CA GLY A 165 22.72 4.11 1.75
C GLY A 165 23.07 5.42 1.11
N VAL A 166 22.13 6.05 0.38
CA VAL A 166 22.36 7.39 -0.19
C VAL A 166 21.96 8.50 0.80
N GLY A 167 21.24 8.12 1.85
CA GLY A 167 20.82 9.02 2.88
C GLY A 167 19.45 9.67 2.67
N GLY A 168 18.52 8.93 2.04
CA GLY A 168 17.19 9.43 1.70
C GLY A 168 17.09 9.22 0.21
N LEU A 169 16.94 10.30 -0.55
CA LEU A 169 16.99 10.23 -1.99
C LEU A 169 18.31 10.78 -2.47
N SER A 170 18.85 10.21 -3.54
CA SER A 170 19.99 10.85 -4.20
C SER A 170 19.50 11.97 -5.12
N ALA A 171 20.45 12.63 -5.82
CA ALA A 171 20.11 13.61 -6.84
C ALA A 171 19.21 12.98 -7.92
N PHE A 172 19.50 11.78 -8.38
CA PHE A 172 18.60 11.10 -9.32
C PHE A 172 17.22 10.72 -8.72
N GLY A 173 17.16 10.32 -7.44
CA GLY A 173 15.89 10.07 -6.74
C GLY A 173 14.97 11.30 -6.69
N ARG A 174 15.57 12.46 -6.47
CA ARG A 174 14.82 13.73 -6.56
C ARG A 174 14.26 13.95 -7.97
N GLU A 175 15.09 13.61 -8.96
CA GLU A 175 14.72 13.72 -10.34
C GLU A 175 13.55 12.75 -10.60
N VAL A 176 13.59 11.58 -9.96
CA VAL A 176 12.47 10.64 -10.09
C VAL A 176 11.17 11.25 -9.55
N VAL A 177 11.25 11.86 -8.36
CA VAL A 177 10.10 12.48 -7.73
C VAL A 177 9.52 13.59 -8.65
N ARG A 178 10.40 14.49 -9.12
CA ARG A 178 10.07 15.47 -10.19
C ARG A 178 9.26 14.97 -11.37
N GLU A 179 9.69 13.87 -11.98
CA GLU A 179 9.00 13.26 -13.15
C GLU A 179 7.73 12.58 -12.76
N MET A 180 7.71 11.95 -11.57
CA MET A 180 6.43 11.45 -10.99
C MET A 180 5.38 12.55 -10.88
N ASN A 181 5.76 13.72 -10.36
CA ASN A 181 4.88 14.93 -10.24
C ASN A 181 4.37 15.38 -11.63
N ARG A 182 5.28 15.49 -12.59
CA ARG A 182 4.90 15.96 -13.93
C ARG A 182 3.97 14.96 -14.66
N GLU A 183 4.23 13.67 -14.48
CA GLU A 183 3.38 12.59 -15.06
C GLU A 183 2.04 12.52 -14.41
N GLY A 184 2.00 12.80 -13.13
CA GLY A 184 0.83 12.60 -12.32
C GLY A 184 0.81 11.36 -11.51
N MET A 185 1.99 10.78 -11.29
CA MET A 185 2.05 9.52 -10.56
C MET A 185 2.31 9.87 -9.09
N LEU A 186 1.47 9.31 -8.21
CA LEU A 186 1.56 9.51 -6.75
C LEU A 186 2.84 8.95 -6.23
N VAL A 187 3.51 9.78 -5.43
CA VAL A 187 4.69 9.35 -4.70
C VAL A 187 4.27 8.53 -3.44
N ASP A 188 4.56 7.22 -3.46
CA ASP A 188 4.23 6.35 -2.30
C ASP A 188 5.45 6.14 -1.40
N LEU A 189 5.29 6.52 -0.11
CA LEU A 189 6.39 6.50 0.88
C LEU A 189 6.25 5.36 1.89
N SER A 190 5.31 4.44 1.66
CA SER A 190 5.35 3.22 2.40
C SER A 190 6.72 2.54 2.13
N HIS A 191 7.15 1.67 3.05
CA HIS A 191 8.46 1.00 2.87
C HIS A 191 9.75 1.86 2.89
N VAL A 192 9.71 3.18 2.64
CA VAL A 192 10.98 3.92 2.55
C VAL A 192 11.47 4.35 3.95
N ALA A 193 12.77 4.67 4.10
CA ALA A 193 13.29 5.23 5.36
C ALA A 193 12.77 6.64 5.63
N ALA A 194 12.70 7.02 6.91
CA ALA A 194 12.33 8.36 7.31
C ALA A 194 13.17 9.44 6.64
N THR A 195 14.43 9.19 6.36
CA THR A 195 15.23 10.19 5.63
C THR A 195 14.64 10.43 4.22
N THR A 196 14.25 9.33 3.56
CA THR A 196 13.61 9.35 2.23
C THR A 196 12.23 10.05 2.25
N MET A 197 11.44 9.76 3.28
CA MET A 197 10.17 10.37 3.46
C MET A 197 10.35 11.92 3.45
N ARG A 198 11.35 12.38 4.22
CA ARG A 198 11.59 13.80 4.34
C ARG A 198 12.13 14.44 3.04
N ASP A 199 12.99 13.74 2.33
CA ASP A 199 13.52 14.28 1.06
C ASP A 199 12.40 14.33 0.01
N ALA A 200 11.49 13.39 0.08
CA ALA A 200 10.45 13.31 -0.97
C ALA A 200 9.42 14.40 -0.76
N LEU A 201 9.03 14.60 0.50
CA LEU A 201 8.24 15.78 0.95
C LEU A 201 8.86 17.15 0.59
N ASP A 202 10.16 17.26 0.70
CA ASP A 202 10.89 18.47 0.28
C ASP A 202 10.76 18.72 -1.24
N THR A 203 10.93 17.64 -2.01
CA THR A 203 11.03 17.70 -3.49
C THR A 203 9.67 17.84 -4.16
N SER A 204 8.66 17.18 -3.57
CA SER A 204 7.40 16.94 -4.28
C SER A 204 6.55 18.19 -4.22
N THR A 205 6.01 18.56 -5.37
CA THR A 205 5.09 19.65 -5.44
C THR A 205 3.65 19.10 -5.52
N ALA A 206 3.48 17.77 -5.41
CA ALA A 206 2.17 17.11 -5.32
C ALA A 206 1.96 16.36 -4.00
N PRO A 207 0.70 16.16 -3.56
CA PRO A 207 0.46 15.29 -2.40
C PRO A 207 1.06 13.90 -2.59
N VAL A 208 1.65 13.37 -1.53
CA VAL A 208 2.21 12.07 -1.53
C VAL A 208 1.29 11.15 -0.74
N ILE A 209 1.52 9.84 -0.85
CA ILE A 209 0.74 8.91 -0.06
C ILE A 209 1.69 8.00 0.71
N PHE A 210 1.12 7.35 1.72
CA PHE A 210 1.61 6.09 2.26
C PHE A 210 0.53 5.04 1.98
N SER A 211 0.81 4.08 1.09
CA SER A 211 -0.24 3.15 0.61
C SER A 211 -0.59 2.06 1.65
N HIS A 212 0.34 1.78 2.58
CA HIS A 212 0.12 0.77 3.65
C HIS A 212 1.18 0.97 4.75
N SER A 213 0.95 2.03 5.55
CA SER A 213 1.86 2.35 6.68
C SER A 213 1.01 2.78 7.85
N SER A 214 1.36 2.33 9.02
CA SER A 214 0.68 2.80 10.25
C SER A 214 1.57 3.73 11.07
N SER A 215 1.37 3.76 12.37
CA SER A 215 1.97 4.86 13.21
C SER A 215 3.15 4.43 14.11
N ARG A 216 4.28 5.11 13.94
CA ARG A 216 5.52 4.72 14.63
C ARG A 216 5.49 5.10 16.12
N ALA A 217 4.85 6.22 16.44
CA ALA A 217 4.61 6.60 17.82
C ALA A 217 3.73 5.58 18.57
N VAL A 218 2.73 5.02 17.89
CA VAL A 218 1.85 4.00 18.49
C VAL A 218 2.57 2.64 18.63
N CYS A 219 3.36 2.30 17.60
CA CYS A 219 4.10 1.05 17.57
C CYS A 219 5.43 1.27 16.83
N ASP A 220 6.52 1.33 17.60
CA ASP A 220 7.86 1.64 17.07
C ASP A 220 8.37 0.50 16.17
N HIS A 221 8.23 0.69 14.86
CA HIS A 221 8.78 -0.18 13.86
C HIS A 221 9.04 0.73 12.69
N PRO A 222 10.18 0.57 11.98
CA PRO A 222 10.49 1.52 10.87
C PRO A 222 9.56 1.50 9.64
N ARG A 223 8.66 0.52 9.54
CA ARG A 223 7.63 0.49 8.49
C ARG A 223 6.50 1.46 8.76
N ASN A 224 6.39 1.87 10.01
CA ASN A 224 5.50 2.91 10.45
C ASN A 224 6.08 4.33 10.26
N ILE A 225 5.22 5.32 10.43
CA ILE A 225 5.52 6.70 10.09
C ILE A 225 5.75 7.50 11.36
N PRO A 226 6.88 8.24 11.42
CA PRO A 226 7.14 9.14 12.57
C PRO A 226 6.17 10.31 12.56
N ASP A 227 5.87 10.83 13.74
CA ASP A 227 4.99 12.00 13.92
C ASP A 227 5.48 13.22 13.16
N ASP A 228 6.77 13.47 13.14
CA ASP A 228 7.29 14.63 12.41
C ASP A 228 6.94 14.55 10.90
N VAL A 229 6.86 13.34 10.36
CA VAL A 229 6.46 13.14 8.95
C VAL A 229 4.92 13.28 8.74
N LEU A 230 4.12 12.70 9.64
CA LEU A 230 2.70 12.89 9.66
C LEU A 230 2.28 14.39 9.79
N GLU A 231 3.04 15.14 10.62
CA GLU A 231 2.83 16.56 10.84
C GLU A 231 2.96 17.38 9.52
N ARG A 232 3.81 16.92 8.59
CA ARG A 232 3.98 17.62 7.31
C ARG A 232 2.91 17.26 6.29
N LEU A 233 2.01 16.31 6.60
CA LEU A 233 1.04 15.84 5.60
C LEU A 233 0.00 16.85 5.23
N SER A 234 -0.42 17.62 6.22
CA SER A 234 -1.37 18.65 6.03
C SER A 234 -0.92 19.71 5.03
N ALA A 235 0.34 20.13 5.10
CA ALA A 235 0.86 21.13 4.15
C ALA A 235 1.05 20.49 2.79
N ASN A 236 1.51 19.24 2.80
CA ASN A 236 1.75 18.56 1.52
C ASN A 236 0.45 18.15 0.81
N GLY A 237 -0.56 17.79 1.61
CA GLY A 237 -1.93 17.60 1.16
C GLY A 237 -2.23 16.12 0.93
N GLY A 238 -1.24 15.26 1.14
CA GLY A 238 -1.37 13.82 0.94
C GLY A 238 -2.05 13.13 2.13
N MET A 239 -1.86 11.83 2.24
CA MET A 239 -2.58 11.01 3.18
C MET A 239 -1.79 9.73 3.51
N ALA A 240 -2.00 9.24 4.74
CA ALA A 240 -1.41 8.00 5.22
C ALA A 240 -2.49 6.94 5.37
N MET A 241 -2.26 5.80 4.71
CA MET A 241 -3.30 4.77 4.59
C MET A 241 -2.90 3.60 5.47
N VAL A 242 -3.65 3.46 6.59
CA VAL A 242 -3.20 2.66 7.74
C VAL A 242 -3.13 1.24 7.27
N THR A 243 -2.11 0.48 7.70
CA THR A 243 -2.12 -0.92 7.38
C THR A 243 -2.49 -1.84 8.57
N PHE A 244 -2.78 -3.12 8.28
CA PHE A 244 -3.29 -4.05 9.31
C PHE A 244 -2.23 -5.06 9.80
N VAL A 245 -1.07 -5.12 9.12
CA VAL A 245 0.00 -6.11 9.41
C VAL A 245 0.27 -6.20 10.94
N PRO A 246 -0.14 -7.32 11.61
CA PRO A 246 -0.04 -7.32 13.09
C PRO A 246 1.39 -6.98 13.63
N LYS A 247 2.42 -7.51 12.98
CA LYS A 247 3.80 -7.29 13.37
C LYS A 247 4.26 -5.88 13.02
N PHE A 248 3.37 -5.06 12.42
CA PHE A 248 3.62 -3.61 12.42
C PHE A 248 2.76 -2.85 13.46
N VAL A 249 1.56 -3.33 13.74
CA VAL A 249 0.59 -2.54 14.52
C VAL A 249 0.49 -2.92 16.01
N LEU A 250 0.88 -4.14 16.36
CA LEU A 250 0.80 -4.56 17.76
C LEU A 250 2.19 -4.63 18.40
N GLN A 251 2.41 -3.88 19.48
CA GLN A 251 3.71 -3.92 20.13
C GLN A 251 4.17 -5.36 20.43
N ALA A 252 3.31 -6.18 21.05
CA ALA A 252 3.63 -7.58 21.35
C ALA A 252 4.06 -8.39 20.12
N ALA A 253 3.44 -8.11 18.97
CA ALA A 253 3.82 -8.80 17.70
C ALA A 253 5.20 -8.34 17.18
N VAL A 254 5.47 -7.03 17.29
CA VAL A 254 6.78 -6.48 16.97
C VAL A 254 7.91 -7.15 17.80
N ASP A 255 7.68 -7.24 19.11
CA ASP A 255 8.63 -7.79 20.08
C ASP A 255 8.82 -9.26 19.83
N TRP A 256 7.70 -9.95 19.58
CA TRP A 256 7.73 -11.36 19.21
C TRP A 256 8.55 -11.61 17.93
N THR A 257 8.29 -10.86 16.88
CA THR A 257 9.00 -11.05 15.58
C THR A 257 10.48 -10.81 15.75
N ALA A 258 10.83 -9.82 16.57
CA ALA A 258 12.24 -9.51 16.83
C ALA A 258 12.98 -10.63 17.58
N GLU A 259 12.32 -11.20 18.60
CA GLU A 259 12.77 -12.35 19.37
C GLU A 259 12.88 -13.61 18.50
N ALA A 260 11.87 -13.83 17.63
CA ALA A 260 11.89 -14.89 16.62
C ALA A 260 13.06 -14.73 15.66
N ASP A 261 13.28 -13.53 15.12
CA ASP A 261 14.43 -13.31 14.20
C ASP A 261 15.78 -13.51 14.95
N ASP A 262 15.82 -13.08 16.22
CA ASP A 262 17.03 -13.23 17.06
C ASP A 262 17.34 -14.75 17.25
N ASN A 263 16.29 -15.51 17.49
CA ASN A 263 16.35 -16.98 17.62
C ASN A 263 16.82 -17.65 16.33
N MET A 264 16.34 -17.16 15.18
CA MET A 264 16.87 -17.62 13.89
C MET A 264 18.38 -17.39 13.74
N ARG A 265 18.83 -16.17 13.95
CA ARG A 265 20.25 -15.83 14.03
C ARG A 265 21.08 -16.66 15.05
N ALA A 266 20.50 -17.01 16.20
CA ALA A 266 21.16 -17.85 17.22
C ALA A 266 21.49 -19.25 16.68
N HIS A 267 20.72 -19.69 15.69
CA HIS A 267 20.93 -21.00 15.07
C HIS A 267 21.71 -20.88 13.76
N GLY A 268 22.15 -19.67 13.46
CA GLY A 268 23.12 -19.43 12.39
C GLY A 268 22.45 -19.16 11.08
N PHE A 269 21.12 -18.97 11.13
CA PHE A 269 20.33 -18.59 9.94
C PHE A 269 20.10 -17.08 9.87
N HIS A 270 20.14 -16.55 8.64
CA HIS A 270 19.51 -15.28 8.29
C HIS A 270 18.01 -15.36 8.66
N HIS A 271 17.41 -14.26 9.13
CA HIS A 271 16.03 -14.30 9.66
C HIS A 271 14.99 -14.62 8.58
N LEU A 272 15.36 -14.32 7.33
CA LEU A 272 14.51 -14.56 6.16
C LEU A 272 14.75 -15.90 5.48
N ASP A 273 15.67 -16.70 6.02
CA ASP A 273 15.97 -18.06 5.51
C ASP A 273 14.72 -18.91 5.55
N SER A 274 14.41 -19.56 4.42
CA SER A 274 13.18 -20.35 4.31
C SER A 274 13.42 -21.84 4.03
N SER A 275 14.67 -22.28 4.19
CA SER A 275 15.01 -23.72 4.15
C SER A 275 14.16 -24.57 5.14
N PRO A 276 14.06 -25.90 4.89
CA PRO A 276 13.33 -26.76 5.84
C PRO A 276 13.92 -26.72 7.25
N GLU A 277 15.24 -26.62 7.32
CA GLU A 277 15.98 -26.52 8.57
C GLU A 277 15.67 -25.21 9.29
N ALA A 278 15.61 -24.10 8.53
CA ALA A 278 15.34 -22.80 9.08
C ALA A 278 13.96 -22.87 9.69
N MET A 279 13.04 -23.45 8.93
CA MET A 279 11.63 -23.61 9.31
C MET A 279 11.39 -24.46 10.57
N LYS A 280 12.38 -25.28 10.95
CA LYS A 280 12.22 -26.20 12.06
C LYS A 280 12.52 -25.46 13.33
N VAL A 281 13.56 -24.62 13.26
CA VAL A 281 13.97 -23.71 14.32
C VAL A 281 12.81 -22.75 14.61
N HIS A 282 12.20 -22.23 13.56
CA HIS A 282 11.10 -21.30 13.78
C HIS A 282 9.86 -21.92 14.46
N ALA A 283 9.50 -23.10 14.03
CA ALA A 283 8.36 -23.79 14.62
C ALA A 283 8.62 -24.10 16.10
N ALA A 284 9.86 -24.45 16.44
CA ALA A 284 10.30 -24.73 17.83
C ALA A 284 10.16 -23.46 18.72
N PHE A 285 10.49 -22.30 18.15
CA PHE A 285 10.25 -21.02 18.85
C PHE A 285 8.77 -20.77 19.11
N GLU A 286 7.96 -20.85 18.05
CA GLU A 286 6.53 -20.62 18.13
C GLU A 286 5.80 -21.66 19.01
N GLU A 287 6.36 -22.86 19.07
CA GLU A 287 5.96 -23.82 20.07
C GLU A 287 6.17 -23.31 21.52
N ARG A 288 7.32 -22.71 21.84
CA ARG A 288 7.64 -22.14 23.18
C ARG A 288 6.83 -20.88 23.47
N VAL A 289 6.78 -20.01 22.46
CA VAL A 289 6.25 -18.66 22.58
C VAL A 289 5.15 -18.44 21.52
N PRO A 290 3.88 -18.65 21.91
CA PRO A 290 2.78 -18.46 20.95
C PRO A 290 2.79 -17.04 20.36
N ARG A 291 2.39 -16.94 19.10
CA ARG A 291 2.28 -15.66 18.37
C ARG A 291 1.18 -14.78 19.00
N PRO A 292 1.47 -13.52 19.30
CA PRO A 292 0.33 -12.69 19.76
C PRO A 292 -0.68 -12.29 18.65
N VAL A 293 -1.90 -12.02 19.05
CA VAL A 293 -2.96 -11.69 18.10
C VAL A 293 -3.43 -10.23 18.22
N ALA A 294 -3.41 -9.56 17.07
CA ALA A 294 -3.83 -8.19 16.97
C ALA A 294 -5.35 -8.19 16.79
N THR A 295 -6.00 -7.06 17.03
CA THR A 295 -7.44 -6.98 16.90
C THR A 295 -7.80 -5.69 16.16
N VAL A 296 -9.08 -5.55 15.86
CA VAL A 296 -9.64 -4.34 15.26
C VAL A 296 -9.30 -3.16 16.13
N SER A 297 -9.36 -3.36 17.45
CA SER A 297 -8.94 -2.31 18.41
C SER A 297 -7.49 -1.81 18.24
N THR A 298 -6.56 -2.73 18.00
CA THR A 298 -5.17 -2.38 17.73
C THR A 298 -5.07 -1.37 16.55
N VAL A 299 -5.77 -1.68 15.47
CA VAL A 299 -5.75 -0.84 14.25
C VAL A 299 -6.40 0.54 14.54
N ALA A 300 -7.53 0.54 15.25
CA ALA A 300 -8.22 1.80 15.59
C ALA A 300 -7.37 2.75 16.43
N ASP A 301 -6.50 2.18 17.28
CA ASP A 301 -5.51 2.96 18.05
C ASP A 301 -4.50 3.71 17.15
N HIS A 302 -4.07 3.11 16.05
CA HIS A 302 -3.23 3.84 15.10
C HIS A 302 -3.94 4.97 14.47
N LEU A 303 -5.19 4.72 14.03
CA LEU A 303 -6.05 5.70 13.39
C LEU A 303 -6.41 6.88 14.28
N ASP A 304 -6.79 6.60 15.54
CA ASP A 304 -6.95 7.65 16.55
C ASP A 304 -5.74 8.54 16.61
N HIS A 305 -4.57 7.95 16.75
CA HIS A 305 -3.39 8.79 16.90
C HIS A 305 -3.01 9.57 15.60
N MET A 306 -3.04 8.89 14.46
CA MET A 306 -2.70 9.52 13.18
C MET A 306 -3.65 10.68 12.88
N ARG A 307 -4.86 10.55 13.40
CA ARG A 307 -5.92 11.50 13.16
C ARG A 307 -5.61 12.79 13.94
N GLU A 308 -5.22 12.59 15.21
CA GLU A 308 -4.71 13.66 16.07
C GLU A 308 -3.48 14.37 15.47
N VAL A 309 -2.52 13.62 14.96
CA VAL A 309 -1.28 14.20 14.41
C VAL A 309 -1.40 14.73 12.96
N ALA A 310 -1.87 13.87 12.06
CA ALA A 310 -1.97 14.20 10.62
C ALA A 310 -3.25 15.00 10.28
N GLY A 311 -4.36 14.67 10.96
CA GLY A 311 -5.64 15.26 10.68
C GLY A 311 -6.51 14.33 9.85
N VAL A 312 -7.82 14.42 10.05
CA VAL A 312 -8.74 13.50 9.41
C VAL A 312 -8.76 13.54 7.84
N ASP A 313 -8.39 14.69 7.26
CA ASP A 313 -8.28 14.82 5.80
C ASP A 313 -7.11 14.10 5.17
N HIS A 314 -6.25 13.51 6.00
CA HIS A 314 -4.96 12.94 5.57
C HIS A 314 -4.80 11.49 5.98
N LEU A 315 -5.93 10.76 6.00
CA LEU A 315 -5.97 9.33 6.30
C LEU A 315 -6.73 8.49 5.26
N GLY A 316 -6.31 7.24 5.18
CA GLY A 316 -6.98 6.25 4.34
C GLY A 316 -6.71 4.85 4.90
N ILE A 317 -7.03 3.85 4.09
CA ILE A 317 -6.85 2.49 4.49
C ILE A 317 -6.11 1.71 3.40
N GLY A 318 -5.03 1.03 3.80
CA GLY A 318 -4.28 0.15 2.91
C GLY A 318 -4.02 -1.16 3.65
N GLY A 319 -4.93 -2.13 3.54
CA GLY A 319 -4.87 -3.39 4.32
C GLY A 319 -3.70 -4.36 4.11
N ASP A 320 -2.98 -4.27 2.96
CA ASP A 320 -1.95 -5.24 2.55
C ASP A 320 -2.56 -6.67 2.44
N TYR A 321 -3.83 -6.79 2.09
CA TYR A 321 -4.41 -8.08 1.86
C TYR A 321 -3.74 -8.83 0.71
N ASP A 322 -3.61 -10.15 0.91
CA ASP A 322 -2.81 -11.02 0.08
C ASP A 322 -1.33 -10.66 -0.06
N GLY A 323 -0.84 -9.71 0.72
CA GLY A 323 0.59 -9.35 0.74
C GLY A 323 1.35 -9.84 1.97
N THR A 324 0.60 -10.44 2.91
CA THR A 324 1.10 -10.76 4.25
C THR A 324 0.32 -11.96 4.81
N PRO A 325 1.02 -12.90 5.47
CA PRO A 325 0.29 -14.10 5.86
C PRO A 325 -0.67 -13.93 7.07
N PHE A 326 -0.41 -12.97 7.96
CA PHE A 326 -1.21 -12.81 9.21
C PHE A 326 -2.07 -11.57 9.27
N THR A 327 -3.18 -11.69 9.99
CA THR A 327 -4.14 -10.61 10.06
C THR A 327 -4.66 -10.48 11.51
N PRO A 328 -5.24 -9.27 11.83
CA PRO A 328 -5.89 -8.99 13.11
C PRO A 328 -7.17 -9.77 13.25
N ASP A 329 -7.57 -10.11 14.48
CA ASP A 329 -8.91 -10.70 14.68
C ASP A 329 -9.96 -9.73 14.10
N GLY A 330 -10.99 -10.20 13.41
CA GLY A 330 -12.01 -9.31 12.88
C GLY A 330 -11.62 -8.67 11.54
N LEU A 331 -10.33 -8.75 11.17
CA LEU A 331 -9.86 -8.17 9.89
C LEU A 331 -9.24 -9.27 9.09
N GLY A 332 -9.74 -10.47 9.32
CA GLY A 332 -9.40 -11.74 8.63
C GLY A 332 -9.18 -11.80 7.12
N ASP A 333 -9.95 -11.03 6.38
CA ASP A 333 -9.87 -11.00 4.92
C ASP A 333 -10.57 -9.71 4.47
N VAL A 334 -10.74 -9.50 3.17
CA VAL A 334 -11.22 -8.20 2.68
C VAL A 334 -12.73 -7.90 3.03
N SER A 335 -13.42 -8.87 3.64
CA SER A 335 -14.77 -8.61 4.17
C SER A 335 -14.77 -7.90 5.52
N GLY A 336 -13.58 -7.63 6.06
CA GLY A 336 -13.47 -7.16 7.44
C GLY A 336 -13.72 -5.68 7.72
N TYR A 337 -13.65 -4.84 6.68
CA TYR A 337 -13.64 -3.40 6.93
C TYR A 337 -14.80 -2.87 7.82
N PRO A 338 -16.05 -3.36 7.62
CA PRO A 338 -17.18 -2.91 8.50
C PRO A 338 -16.91 -3.03 10.02
N ASN A 339 -16.16 -4.05 10.43
CA ASN A 339 -15.76 -4.20 11.82
C ASN A 339 -14.85 -3.02 12.31
N LEU A 340 -14.05 -2.47 11.39
CA LEU A 340 -13.18 -1.36 11.75
C LEU A 340 -13.95 -0.04 11.86
N ILE A 341 -14.83 0.20 10.87
CA ILE A 341 -15.70 1.34 10.87
C ILE A 341 -16.63 1.26 12.11
N ALA A 342 -17.16 0.07 12.46
CA ALA A 342 -18.01 -0.07 13.66
C ALA A 342 -17.30 0.34 14.91
N GLU A 343 -16.05 -0.12 15.04
CA GLU A 343 -15.14 0.29 16.15
C GLU A 343 -14.92 1.81 16.24
N LEU A 344 -14.57 2.41 15.11
CA LEU A 344 -14.41 3.85 14.99
C LEU A 344 -15.69 4.62 15.36
N LEU A 345 -16.85 4.16 14.87
CA LEU A 345 -18.15 4.69 15.33
C LEU A 345 -18.27 4.65 16.86
N ASP A 346 -17.93 3.50 17.46
CA ASP A 346 -17.99 3.39 18.94
C ASP A 346 -17.08 4.36 19.65
N ARG A 347 -16.08 4.85 18.94
CA ARG A 347 -15.11 5.76 19.53
C ARG A 347 -15.47 7.21 19.21
N GLY A 348 -16.63 7.46 18.59
CA GLY A 348 -17.14 8.85 18.35
C GLY A 348 -16.69 9.50 17.03
N TRP A 349 -16.07 8.72 16.13
CA TRP A 349 -15.74 9.24 14.77
C TRP A 349 -17.07 9.57 14.08
N SER A 350 -17.16 10.76 13.49
CA SER A 350 -18.36 11.23 12.82
C SER A 350 -18.53 10.53 11.48
N GLN A 351 -19.73 10.62 10.92
CA GLN A 351 -20.00 10.03 9.62
C GLN A 351 -19.16 10.68 8.49
N SER A 352 -18.90 11.98 8.62
CA SER A 352 -18.06 12.67 7.64
C SER A 352 -16.59 12.35 7.81
N ASP A 353 -16.11 12.17 9.06
CA ASP A 353 -14.77 11.65 9.35
C ASP A 353 -14.56 10.35 8.58
N LEU A 354 -15.54 9.46 8.70
CA LEU A 354 -15.47 8.12 8.16
C LEU A 354 -15.53 8.10 6.62
N ALA A 355 -16.31 8.97 6.00
CA ALA A 355 -16.36 9.06 4.55
C ALA A 355 -15.05 9.64 3.98
N LYS A 356 -14.39 10.52 4.74
CA LYS A 356 -13.06 11.02 4.36
C LYS A 356 -12.03 9.89 4.39
N LEU A 357 -12.05 9.15 5.52
CA LEU A 357 -11.25 7.97 5.71
C LEU A 357 -11.44 6.91 4.58
N THR A 358 -12.66 6.55 4.26
CA THR A 358 -12.88 5.49 3.27
C THR A 358 -12.71 5.99 1.83
N TRP A 359 -13.33 7.12 1.48
CA TRP A 359 -13.48 7.50 0.09
C TRP A 359 -12.85 8.83 -0.35
N LYS A 360 -13.15 9.90 0.41
CA LYS A 360 -13.02 11.23 -0.13
C LYS A 360 -11.61 11.68 -0.16
N ASN A 361 -10.84 11.31 0.87
CA ASN A 361 -9.44 11.68 0.87
C ASN A 361 -8.69 11.20 -0.38
N ALA A 362 -8.89 9.93 -0.74
CA ALA A 362 -8.12 9.28 -1.81
C ALA A 362 -8.42 9.85 -3.20
N VAL A 363 -9.71 10.07 -3.46
CA VAL A 363 -10.20 10.84 -4.57
C VAL A 363 -9.60 12.28 -4.63
N ARG A 364 -9.64 13.03 -3.52
CA ARG A 364 -9.03 14.35 -3.49
C ARG A 364 -7.58 14.31 -3.90
N VAL A 365 -6.83 13.38 -3.31
CA VAL A 365 -5.41 13.22 -3.52
C VAL A 365 -5.02 12.89 -4.97
N LEU A 366 -5.75 11.93 -5.60
CA LEU A 366 -5.47 11.61 -6.99
C LEU A 366 -5.86 12.77 -7.91
N ASP A 367 -6.97 13.42 -7.60
CA ASP A 367 -7.30 14.62 -8.32
C ASP A 367 -6.15 15.64 -8.29
N ALA A 368 -5.59 15.90 -7.11
CA ALA A 368 -4.47 16.83 -6.92
C ALA A 368 -3.20 16.52 -7.72
N ALA A 369 -2.88 15.22 -7.85
CA ALA A 369 -1.80 14.79 -8.71
C ALA A 369 -2.02 15.18 -10.16
N GLU A 370 -3.24 14.92 -10.66
CA GLU A 370 -3.66 15.27 -12.02
C GLU A 370 -3.52 16.79 -12.28
N ASP A 371 -3.86 17.55 -11.27
CA ASP A 371 -3.81 18.99 -11.35
C ASP A 371 -2.39 19.50 -11.46
N VAL A 372 -1.56 19.03 -10.53
CA VAL A 372 -0.14 19.34 -10.52
C VAL A 372 0.53 18.95 -11.86
N SER A 373 0.22 17.74 -12.34
CA SER A 373 0.69 17.26 -13.60
C SER A 373 0.37 18.19 -14.80
N ARG A 374 -0.90 18.63 -14.91
CA ARG A 374 -1.30 19.58 -15.96
C ARG A 374 -0.39 20.82 -15.97
N GLY A 375 -0.17 21.41 -14.82
CA GLY A 375 0.73 22.56 -14.71
C GLY A 375 2.15 22.24 -15.20
N LEU A 376 2.72 21.15 -14.69
CA LEU A 376 4.09 20.78 -15.08
C LEU A 376 4.26 20.32 -16.55
N ARG A 377 3.20 19.70 -17.14
CA ARG A 377 3.29 19.28 -18.53
C ARG A 377 3.30 20.49 -19.47
N ALA A 378 2.51 21.52 -19.14
CA ALA A 378 2.50 22.80 -19.88
C ALA A 378 3.79 23.64 -19.61
N ALA A 379 4.40 23.48 -18.44
CA ALA A 379 5.58 24.30 -18.12
C ALA A 379 6.91 23.87 -18.78
N ARG A 380 7.07 22.57 -19.03
CA ARG A 380 8.35 22.03 -19.54
C ARG A 380 8.12 20.65 -20.17
N GLY A 381 9.18 20.14 -20.81
CA GLY A 381 9.21 18.80 -21.37
C GLY A 381 9.63 17.76 -20.34
N PRO A 382 9.53 16.47 -20.71
CA PRO A 382 9.91 15.38 -19.82
C PRO A 382 11.45 15.38 -19.69
N SER A 383 11.92 14.85 -18.59
CA SER A 383 13.36 14.78 -18.38
C SER A 383 13.96 13.60 -19.15
N ASN A 384 15.13 13.85 -19.72
CA ASN A 384 15.96 12.84 -20.36
C ASN A 384 17.25 12.58 -19.54
N ALA A 385 17.27 13.01 -18.26
CA ALA A 385 18.45 12.80 -17.39
C ALA A 385 18.70 11.35 -17.03
N THR A 386 19.97 11.01 -16.86
CA THR A 386 20.39 9.65 -16.55
C THR A 386 20.91 9.60 -15.12
N ILE A 387 20.94 8.40 -14.56
CA ILE A 387 21.49 8.22 -13.21
C ILE A 387 23.00 8.53 -13.18
N GLU A 388 23.69 8.12 -14.23
CA GLU A 388 25.10 8.49 -14.39
C GLU A 388 25.36 10.00 -14.34
N GLN A 389 24.66 10.79 -15.14
CA GLN A 389 24.77 12.28 -15.08
C GLN A 389 24.53 12.88 -13.69
N LEU A 390 23.44 12.46 -13.03
CA LEU A 390 23.05 13.08 -11.76
C LEU A 390 23.78 12.49 -10.58
N ASP A 391 23.98 11.19 -10.57
CA ASP A 391 24.58 10.54 -9.39
C ASP A 391 26.10 10.21 -9.51
N GLY A 392 26.64 10.33 -10.73
CA GLY A 392 28.04 10.09 -11.00
C GLY A 392 28.24 8.63 -11.33
O4 B88 B . 6.89 -7.66 1.54
P2 B88 B . 5.50 -7.07 1.23
O5 B88 B . 5.49 -5.58 0.99
C9 B88 B . 4.52 -7.92 -0.09
N1 B88 B . 4.54 -7.30 -1.39
C12 B88 B . 5.07 -9.31 -0.32
C6 B88 B . 4.60 -7.50 2.76
C7 B88 B . 4.57 -6.56 3.98
C8 B88 B . 4.94 -5.11 3.81
O1 B88 B . 4.05 -4.45 3.26
O6 B88 B . 6.00 -4.62 4.30
C13 B88 B . 5.24 -7.11 5.24
C14 B88 B . 5.03 -8.60 5.39
O3 B88 B . 6.09 -9.25 5.49
O2 B88 B . 3.86 -9.09 5.36
ZN ZN C . 2.75 -5.17 -1.36
ZN ZN D . 4.46 -3.64 1.05
#